data_1YF9
#
_entry.id   1YF9
#
_cell.length_a   114.448
_cell.length_b   114.448
_cell.length_c   139.547
_cell.angle_alpha   90.00
_cell.angle_beta   90.00
_cell.angle_gamma   90.00
#
_symmetry.space_group_name_H-M   'P 43 21 2'
#
loop_
_entity.id
_entity.type
_entity.pdbx_description
1 polymer 'Ubiquitin carrier protein 4'
2 non-polymer 'CHLORIDE ION'
3 water water
#
_entity_poly.entity_id   1
_entity_poly.type   'polypeptide(L)'
_entity_poly.pdbx_seq_one_letter_code
;GPGSMSGAGNLRSNRRREMDYMRLCNSTRKVYPSDTVAEFWVEFKGPEGTPYEDGTWMLHVQLPSDYPFKSPSIGFCNRI
LHPNVDERSGSVCLDVINQTWTPMYQLENIFDVFLPQLLRYPNPSDPLNVQAAHLLHADRVGFDALLREHVSTHATPQKA
LESIPEAYRPH
;
_entity_poly.pdbx_strand_id   A,B,C
#
loop_
_chem_comp.id
_chem_comp.type
_chem_comp.name
_chem_comp.formula
CL non-polymer 'CHLORIDE ION' 'Cl -1'
#
# COMPACT_ATOMS: atom_id res chain seq x y z
N SER A 13 29.96 -0.71 3.32
CA SER A 13 30.07 -1.17 1.90
C SER A 13 28.77 -0.85 1.14
N ASN A 14 27.78 -1.73 1.25
CA ASN A 14 26.51 -1.55 0.57
C ASN A 14 25.57 -0.72 1.44
N ARG A 15 25.48 0.58 1.14
CA ARG A 15 24.66 1.51 1.93
C ARG A 15 23.15 1.31 1.75
N ARG A 16 22.72 0.83 0.57
CA ARG A 16 21.30 0.55 0.36
C ARG A 16 20.83 -0.65 1.18
N ARG A 17 21.66 -1.69 1.22
CA ARG A 17 21.33 -2.87 2.00
C ARG A 17 21.26 -2.48 3.49
N GLU A 18 22.24 -1.74 3.95
CA GLU A 18 22.26 -1.26 5.33
C GLU A 18 20.97 -0.47 5.65
N MET A 19 20.62 0.48 4.78
CA MET A 19 19.43 1.31 4.97
C MET A 19 18.16 0.46 5.09
N ASP A 20 17.97 -0.48 4.16
CA ASP A 20 16.75 -1.25 4.13
C ASP A 20 16.64 -2.24 5.28
N TYR A 21 17.76 -2.83 5.67
CA TYR A 21 17.82 -3.64 6.89
C TYR A 21 17.42 -2.83 8.14
N MET A 22 18.00 -1.65 8.31
CA MET A 22 17.72 -0.81 9.49
C MET A 22 16.27 -0.36 9.52
N ARG A 23 15.69 -0.07 8.35
CA ARG A 23 14.29 0.37 8.29
C ARG A 23 13.35 -0.77 8.67
N LEU A 24 13.72 -1.99 8.29
CA LEU A 24 12.96 -3.16 8.66
C LEU A 24 13.00 -3.40 10.16
N CYS A 25 14.18 -3.21 10.77
CA CYS A 25 14.35 -3.38 12.21
C CYS A 25 13.73 -2.27 13.06
N ASN A 26 13.72 -1.04 12.52
CA ASN A 26 13.22 0.13 13.25
C ASN A 26 11.71 0.30 13.02
N SER A 27 10.95 -0.70 13.47
CA SER A 27 9.52 -0.81 13.19
C SER A 27 8.88 -1.78 14.19
N THR A 28 7.59 -2.07 14.00
CA THR A 28 6.90 -3.00 14.88
C THR A 28 7.03 -4.45 14.38
N ARG A 29 7.71 -4.65 13.25
CA ARG A 29 7.94 -6.00 12.76
C ARG A 29 8.84 -6.78 13.72
N LYS A 30 8.66 -8.10 13.74
CA LYS A 30 9.50 -8.96 14.59
C LYS A 30 10.65 -9.49 13.75
N VAL A 31 11.81 -8.88 13.97
CA VAL A 31 13.01 -9.20 13.18
C VAL A 31 14.08 -9.67 14.14
N TYR A 32 14.65 -10.83 13.86
CA TYR A 32 15.71 -11.40 14.69
C TYR A 32 17.02 -11.34 13.94
N PRO A 33 17.98 -10.55 14.44
CA PRO A 33 19.21 -10.32 13.70
C PRO A 33 20.18 -11.51 13.72
N SER A 34 21.04 -11.59 12.71
CA SER A 34 22.24 -12.43 12.79
C SER A 34 23.39 -11.53 13.26
N ASP A 35 24.62 -11.85 12.88
CA ASP A 35 25.76 -10.97 13.15
C ASP A 35 25.98 -9.91 12.05
N THR A 36 25.25 -10.02 10.94
CA THR A 36 25.40 -9.05 9.82
C THR A 36 24.04 -8.60 9.25
N VAL A 37 24.05 -7.46 8.55
CA VAL A 37 22.86 -6.94 7.85
C VAL A 37 22.46 -7.84 6.66
N ALA A 38 23.32 -8.77 6.29
CA ALA A 38 23.10 -9.62 5.11
C ALA A 38 22.12 -10.76 5.37
N GLU A 39 21.87 -11.05 6.65
CA GLU A 39 21.09 -12.24 7.02
C GLU A 39 20.30 -11.99 8.31
N PHE A 40 19.02 -12.36 8.28
CA PHE A 40 18.18 -12.19 9.46
C PHE A 40 16.89 -13.00 9.31
N TRP A 41 16.12 -13.05 10.38
CA TRP A 41 14.88 -13.81 10.44
C TRP A 41 13.70 -12.88 10.74
N VAL A 42 12.62 -13.06 9.99
CA VAL A 42 11.44 -12.22 10.11
C VAL A 42 10.23 -13.11 10.39
N GLU A 43 9.45 -12.74 11.40
CA GLU A 43 8.19 -13.44 11.66
C GLU A 43 7.14 -13.04 10.60
N PHE A 44 6.38 -14.03 10.15
CA PHE A 44 5.39 -13.85 9.07
C PHE A 44 4.09 -14.58 9.44
N LYS A 45 2.95 -13.90 9.29
CA LYS A 45 1.65 -14.51 9.57
C LYS A 45 0.93 -14.78 8.24
N GLY A 46 0.32 -15.96 8.13
CA GLY A 46 -0.43 -16.34 6.93
C GLY A 46 -1.59 -15.40 6.65
N PRO A 47 -1.93 -15.18 5.37
CA PRO A 47 -3.00 -14.21 5.08
C PRO A 47 -4.40 -14.71 5.46
N GLU A 48 -5.22 -13.79 5.95
CA GLU A 48 -6.61 -14.08 6.32
C GLU A 48 -7.43 -14.49 5.09
N GLY A 49 -8.32 -15.46 5.27
CA GLY A 49 -9.15 -15.94 4.17
C GLY A 49 -8.53 -17.05 3.33
N THR A 50 -7.40 -17.60 3.81
CA THR A 50 -6.74 -18.71 3.15
C THR A 50 -6.56 -19.86 4.17
N PRO A 51 -6.28 -21.08 3.69
CA PRO A 51 -5.93 -22.18 4.60
C PRO A 51 -4.65 -21.93 5.44
N TYR A 52 -3.89 -20.89 5.07
CA TYR A 52 -2.69 -20.50 5.84
C TYR A 52 -2.98 -19.49 6.98
N GLU A 53 -4.23 -19.06 7.11
CA GLU A 53 -4.57 -17.91 7.97
C GLU A 53 -4.20 -18.04 9.46
N ASP A 54 -4.17 -19.26 9.98
CA ASP A 54 -3.84 -19.45 11.39
C ASP A 54 -2.35 -19.77 11.60
N GLY A 55 -1.55 -19.52 10.57
CA GLY A 55 -0.15 -19.92 10.59
C GLY A 55 0.83 -18.83 10.94
N THR A 56 1.88 -19.21 11.66
CA THR A 56 3.02 -18.34 11.87
C THR A 56 4.27 -19.05 11.35
N TRP A 57 5.06 -18.33 10.56
CA TRP A 57 6.33 -18.85 10.05
C TRP A 57 7.47 -17.91 10.38
N MET A 58 8.69 -18.47 10.39
CA MET A 58 9.91 -17.68 10.47
C MET A 58 10.55 -17.70 9.08
N LEU A 59 10.84 -16.51 8.56
CA LEU A 59 11.47 -16.37 7.27
C LEU A 59 12.97 -16.12 7.41
N HIS A 60 13.77 -16.90 6.69
CA HIS A 60 15.21 -16.64 6.57
C HIS A 60 15.39 -15.71 5.38
N VAL A 61 15.74 -14.46 5.67
CA VAL A 61 15.90 -13.46 4.64
C VAL A 61 17.39 -13.14 4.46
N GLN A 62 17.86 -13.17 3.22
CA GLN A 62 19.24 -12.82 2.91
C GLN A 62 19.30 -11.75 1.85
N LEU A 63 20.10 -10.72 2.12
CA LEU A 63 20.27 -9.58 1.21
C LEU A 63 21.69 -9.65 0.65
N PRO A 64 21.80 -9.87 -0.68
CA PRO A 64 23.08 -10.09 -1.34
C PRO A 64 23.96 -8.83 -1.43
N SER A 65 25.23 -9.00 -1.74
CA SER A 65 26.16 -7.86 -1.77
C SER A 65 25.80 -6.84 -2.85
N ASP A 66 25.14 -7.29 -3.92
CA ASP A 66 24.66 -6.40 -4.99
C ASP A 66 23.18 -5.97 -4.85
N TYR A 67 22.60 -6.16 -3.67
CA TYR A 67 21.27 -5.63 -3.38
C TYR A 67 21.28 -4.11 -3.59
N PRO A 68 20.19 -3.54 -4.15
CA PRO A 68 18.93 -4.18 -4.55
C PRO A 68 18.86 -4.55 -6.05
N PHE A 69 20.00 -4.53 -6.75
CA PHE A 69 20.03 -4.95 -8.14
C PHE A 69 19.79 -6.45 -8.26
N LYS A 70 20.29 -7.21 -7.28
CA LYS A 70 19.94 -8.62 -7.10
C LYS A 70 18.91 -8.71 -5.99
N SER A 71 17.90 -9.56 -6.19
CA SER A 71 16.80 -9.69 -5.26
C SER A 71 17.23 -10.39 -3.95
N PRO A 72 16.48 -10.17 -2.87
CA PRO A 72 16.74 -10.95 -1.66
C PRO A 72 16.32 -12.40 -1.86
N SER A 73 16.87 -13.32 -1.06
CA SER A 73 16.38 -14.67 -1.05
C SER A 73 15.53 -14.85 0.20
N ILE A 74 14.48 -15.69 0.09
CA ILE A 74 13.52 -15.91 1.17
C ILE A 74 13.36 -17.40 1.39
N GLY A 75 13.50 -17.84 2.64
CA GLY A 75 13.22 -19.23 2.99
C GLY A 75 12.29 -19.38 4.18
N PHE A 76 11.33 -20.31 4.07
CA PHE A 76 10.46 -20.66 5.17
C PHE A 76 11.17 -21.65 6.09
N CYS A 77 11.51 -21.23 7.31
CA CYS A 77 12.30 -22.08 8.21
C CYS A 77 11.50 -23.24 8.77
N ASN A 78 10.32 -22.98 9.31
CA ASN A 78 9.41 -24.08 9.69
C ASN A 78 8.60 -24.47 8.46
N ARG A 79 8.11 -25.71 8.44
CA ARG A 79 7.54 -26.30 7.22
C ARG A 79 6.31 -25.57 6.68
N ILE A 80 6.30 -25.37 5.37
CA ILE A 80 5.10 -24.95 4.64
C ILE A 80 4.92 -25.80 3.37
N LEU A 81 3.68 -26.08 3.02
CA LEU A 81 3.36 -26.76 1.78
C LEU A 81 2.79 -25.76 0.80
N HIS A 82 3.52 -25.53 -0.29
CA HIS A 82 3.11 -24.56 -1.30
C HIS A 82 3.86 -24.89 -2.59
N PRO A 83 3.16 -24.88 -3.74
CA PRO A 83 3.77 -25.22 -5.03
C PRO A 83 5.07 -24.46 -5.36
N ASN A 84 5.17 -23.19 -4.92
CA ASN A 84 6.34 -22.36 -5.25
C ASN A 84 7.42 -22.32 -4.15
N VAL A 85 7.30 -23.22 -3.17
CA VAL A 85 8.25 -23.30 -2.07
C VAL A 85 8.76 -24.73 -1.92
N ASP A 86 10.08 -24.90 -1.93
CA ASP A 86 10.66 -26.22 -1.65
C ASP A 86 10.50 -26.48 -0.16
N GLU A 87 9.77 -27.50 0.26
CA GLU A 87 9.57 -27.65 1.69
C GLU A 87 10.86 -27.96 2.47
N ARG A 88 11.69 -28.85 1.91
CA ARG A 88 12.87 -29.35 2.58
C ARG A 88 13.79 -28.17 2.94
N SER A 89 14.13 -27.34 1.95
CA SER A 89 15.04 -26.22 2.18
C SER A 89 14.30 -24.99 2.68
N GLY A 90 13.00 -24.92 2.42
CA GLY A 90 12.20 -23.72 2.76
C GLY A 90 12.24 -22.64 1.68
N SER A 91 13.04 -22.84 0.66
CA SER A 91 13.32 -21.69 -0.19
C SER A 91 12.20 -21.35 -1.17
N VAL A 92 11.88 -20.05 -1.25
CA VAL A 92 10.89 -19.53 -2.18
C VAL A 92 11.52 -19.44 -3.56
N CYS A 93 10.78 -19.93 -4.57
CA CYS A 93 11.27 -19.98 -5.94
C CYS A 93 11.87 -18.66 -6.39
N LEU A 94 13.12 -18.71 -6.88
CA LEU A 94 13.83 -17.51 -7.30
C LEU A 94 13.17 -16.84 -8.51
N ASP A 95 12.66 -17.65 -9.43
CA ASP A 95 11.96 -17.13 -10.61
C ASP A 95 10.72 -16.33 -10.21
N VAL A 96 9.96 -16.84 -9.22
CA VAL A 96 8.78 -16.09 -8.75
C VAL A 96 9.14 -14.75 -8.09
N ILE A 97 10.16 -14.75 -7.23
CA ILE A 97 10.66 -13.51 -6.62
C ILE A 97 11.08 -12.51 -7.71
N ASN A 98 11.80 -13.00 -8.73
CA ASN A 98 12.30 -12.13 -9.80
C ASN A 98 11.22 -11.55 -10.71
N GLN A 99 10.03 -12.15 -10.72
CA GLN A 99 8.93 -11.56 -11.49
C GLN A 99 8.44 -10.26 -10.84
N THR A 100 8.58 -10.17 -9.53
CA THR A 100 8.14 -9.00 -8.78
C THR A 100 9.28 -8.03 -8.46
N TRP A 101 10.44 -8.56 -8.08
CA TRP A 101 11.55 -7.71 -7.64
C TRP A 101 12.06 -6.80 -8.76
N THR A 102 12.29 -5.53 -8.42
CA THR A 102 13.10 -4.63 -9.25
C THR A 102 14.00 -3.85 -8.28
N PRO A 103 15.03 -3.15 -8.79
CA PRO A 103 15.86 -2.35 -7.88
C PRO A 103 15.12 -1.23 -7.15
N MET A 104 13.92 -0.88 -7.61
CA MET A 104 13.09 0.15 -6.97
C MET A 104 12.01 -0.41 -6.03
N TYR A 105 11.93 -1.73 -5.94
CA TYR A 105 10.95 -2.40 -5.10
C TYR A 105 11.24 -2.18 -3.61
N GLN A 106 10.19 -1.96 -2.81
CA GLN A 106 10.36 -1.71 -1.39
C GLN A 106 10.35 -3.01 -0.62
N LEU A 107 11.42 -3.22 0.14
CA LEU A 107 11.62 -4.49 0.86
C LEU A 107 10.43 -4.89 1.75
N GLU A 108 9.79 -3.92 2.39
CA GLU A 108 8.63 -4.17 3.25
C GLU A 108 7.51 -4.88 2.50
N ASN A 109 7.37 -4.59 1.21
CA ASN A 109 6.33 -5.20 0.39
C ASN A 109 6.53 -6.70 0.11
N ILE A 110 7.74 -7.19 0.29
CA ILE A 110 7.97 -8.64 0.30
C ILE A 110 7.07 -9.30 1.35
N PHE A 111 6.98 -8.67 2.52
CA PHE A 111 6.24 -9.25 3.64
C PHE A 111 4.78 -8.83 3.62
N ASP A 112 4.51 -7.62 3.14
CA ASP A 112 3.16 -7.07 3.22
C ASP A 112 2.32 -7.41 1.99
N VAL A 113 2.96 -7.67 0.87
CA VAL A 113 2.23 -7.83 -0.38
C VAL A 113 2.61 -9.13 -1.11
N PHE A 114 3.90 -9.29 -1.44
CA PHE A 114 4.36 -10.41 -2.26
C PHE A 114 4.05 -11.79 -1.65
N LEU A 115 4.45 -12.00 -0.41
CA LEU A 115 4.26 -13.31 0.24
C LEU A 115 2.79 -13.61 0.57
N PRO A 116 2.05 -12.64 1.15
CA PRO A 116 0.63 -12.90 1.36
C PRO A 116 -0.12 -13.24 0.04
N GLN A 117 0.15 -12.48 -1.03
CA GLN A 117 -0.48 -12.76 -2.33
C GLN A 117 -0.10 -14.13 -2.88
N LEU A 118 1.15 -14.51 -2.74
CA LEU A 118 1.64 -15.81 -3.20
C LEU A 118 0.92 -16.95 -2.50
N LEU A 119 0.66 -16.77 -1.21
CA LEU A 119 -0.04 -17.77 -0.42
C LEU A 119 -1.54 -17.85 -0.73
N ARG A 120 -2.11 -16.75 -1.25
CA ARG A 120 -3.53 -16.77 -1.65
C ARG A 120 -3.78 -17.67 -2.87
N TYR A 121 -2.83 -17.67 -3.81
CA TYR A 121 -2.83 -18.61 -4.95
C TYR A 121 -1.46 -18.61 -5.59
N PRO A 122 -0.91 -19.81 -5.87
CA PRO A 122 0.43 -19.91 -6.43
C PRO A 122 0.66 -19.19 -7.76
N ASN A 123 1.92 -18.89 -8.01
CA ASN A 123 2.36 -18.37 -9.29
C ASN A 123 2.50 -19.56 -10.26
N PRO A 124 2.11 -19.38 -11.54
CA PRO A 124 2.14 -20.51 -12.50
C PRO A 124 3.53 -21.04 -12.89
N SER A 125 4.59 -20.44 -12.37
CA SER A 125 5.95 -20.93 -12.58
C SER A 125 6.11 -22.43 -12.21
N ASP A 126 6.97 -23.13 -12.95
CA ASP A 126 7.25 -24.55 -12.69
C ASP A 126 7.42 -24.77 -11.18
N PRO A 127 6.53 -25.58 -10.58
CA PRO A 127 6.50 -25.76 -9.14
C PRO A 127 7.78 -26.37 -8.56
N LEU A 128 8.19 -25.84 -7.41
CA LEU A 128 9.23 -26.45 -6.59
C LEU A 128 8.66 -27.64 -5.83
N ASN A 129 7.40 -27.52 -5.42
CA ASN A 129 6.66 -28.61 -4.79
C ASN A 129 5.63 -29.13 -5.79
N VAL A 130 6.03 -30.15 -6.54
CA VAL A 130 5.18 -30.75 -7.56
C VAL A 130 3.96 -31.48 -6.95
N GLN A 131 4.15 -32.06 -5.77
CA GLN A 131 3.07 -32.73 -5.02
C GLN A 131 1.90 -31.79 -4.74
N ALA A 132 2.24 -30.61 -4.19
CA ALA A 132 1.27 -29.59 -3.88
C ALA A 132 0.56 -29.07 -5.15
N ALA A 133 1.32 -28.87 -6.22
CA ALA A 133 0.73 -28.47 -7.52
C ALA A 133 -0.31 -29.48 -8.01
N HIS A 134 0.01 -30.76 -7.91
CA HIS A 134 -0.88 -31.85 -8.37
C HIS A 134 -2.16 -31.93 -7.53
N LEU A 135 -2.00 -31.78 -6.21
CA LEU A 135 -3.12 -31.80 -5.28
C LEU A 135 -4.07 -30.63 -5.49
N LEU A 136 -3.51 -29.45 -5.70
CA LEU A 136 -4.27 -28.25 -5.93
C LEU A 136 -5.13 -28.36 -7.21
N HIS A 137 -4.54 -28.88 -8.27
CA HIS A 137 -5.21 -29.04 -9.57
C HIS A 137 -6.29 -30.10 -9.56
N ALA A 138 -6.04 -31.20 -8.85
CA ALA A 138 -6.95 -32.33 -8.83
C ALA A 138 -8.18 -32.10 -7.95
N ASP A 139 -7.96 -31.49 -6.79
CA ASP A 139 -9.01 -31.33 -5.79
C ASP A 139 -8.63 -30.22 -4.83
N ARG A 140 -9.06 -29.01 -5.16
CA ARG A 140 -8.68 -27.82 -4.41
C ARG A 140 -9.22 -27.83 -2.98
N VAL A 141 -10.45 -28.32 -2.81
CA VAL A 141 -11.12 -28.37 -1.52
C VAL A 141 -10.41 -29.34 -0.57
N GLY A 142 -10.09 -30.55 -1.06
CA GLY A 142 -9.31 -31.51 -0.28
C GLY A 142 -7.91 -30.99 0.05
N PHE A 143 -7.27 -30.32 -0.90
CA PHE A 143 -5.93 -29.77 -0.66
C PHE A 143 -5.95 -28.66 0.40
N ASP A 144 -6.96 -27.79 0.34
CA ASP A 144 -7.12 -26.74 1.35
C ASP A 144 -7.34 -27.32 2.77
N ALA A 145 -8.07 -28.43 2.87
CA ALA A 145 -8.23 -29.12 4.15
C ALA A 145 -6.92 -29.72 4.63
N LEU A 146 -6.15 -30.28 3.70
CA LEU A 146 -4.84 -30.85 4.02
C LEU A 146 -3.92 -29.73 4.52
N LEU A 147 -3.96 -28.59 3.83
CA LEU A 147 -3.19 -27.40 4.22
C LEU A 147 -3.50 -26.93 5.65
N ARG A 148 -4.78 -26.79 5.96
CA ARG A 148 -5.24 -26.29 7.25
C ARG A 148 -4.73 -27.15 8.41
N GLU A 149 -4.77 -28.47 8.23
CA GLU A 149 -4.28 -29.40 9.24
C GLU A 149 -2.75 -29.34 9.39
N HIS A 150 -2.04 -29.28 8.26
CA HIS A 150 -0.59 -29.16 8.28
C HIS A 150 -0.17 -27.87 8.99
N VAL A 151 -0.86 -26.79 8.67
CA VAL A 151 -0.58 -25.48 9.26
C VAL A 151 -0.80 -25.51 10.78
N SER A 152 -1.85 -26.19 11.24
CA SER A 152 -2.16 -26.21 12.67
C SER A 152 -1.10 -26.94 13.47
N THR A 153 -0.38 -27.87 12.85
CA THR A 153 0.67 -28.61 13.55
C THR A 153 2.08 -28.00 13.35
N HIS A 154 2.38 -27.50 12.16
CA HIS A 154 3.75 -27.06 11.87
C HIS A 154 3.96 -25.55 11.92
N ALA A 155 2.88 -24.78 11.87
CA ALA A 155 3.01 -23.32 11.81
C ALA A 155 2.46 -22.64 13.06
N THR A 156 2.85 -23.15 14.22
CA THR A 156 2.49 -22.52 15.49
C THR A 156 3.54 -21.46 15.77
N PRO A 157 3.19 -20.44 16.59
CA PRO A 157 4.20 -19.45 16.97
C PRO A 157 5.42 -20.11 17.61
N GLN A 158 5.21 -21.20 18.32
CA GLN A 158 6.29 -21.91 18.99
C GLN A 158 7.23 -22.59 17.97
N LYS A 159 6.67 -23.27 16.98
CA LYS A 159 7.51 -23.90 15.95
C LYS A 159 8.28 -22.86 15.10
N ALA A 160 7.66 -21.71 14.85
CA ALA A 160 8.35 -20.64 14.12
C ALA A 160 9.58 -20.15 14.91
N LEU A 161 9.39 -19.90 16.20
CA LEU A 161 10.47 -19.45 17.06
C LEU A 161 11.64 -20.45 17.14
N GLU A 162 11.31 -21.73 17.29
CA GLU A 162 12.31 -22.80 17.41
C GLU A 162 13.09 -23.06 16.11
N SER A 163 12.55 -22.59 15.00
CA SER A 163 13.19 -22.80 13.70
C SER A 163 14.31 -21.80 13.41
N ILE A 164 14.50 -20.83 14.31
CA ILE A 164 15.64 -19.90 14.21
C ILE A 164 16.87 -20.67 14.70
N PRO A 165 17.98 -20.61 13.95
CA PRO A 165 19.24 -21.23 14.43
C PRO A 165 19.55 -20.84 15.86
N GLU A 166 19.97 -21.81 16.65
CA GLU A 166 20.12 -21.61 18.09
C GLU A 166 21.01 -20.42 18.48
N ALA A 167 22.02 -20.11 17.67
CA ALA A 167 22.91 -18.97 17.96
C ALA A 167 22.19 -17.63 18.00
N TYR A 168 21.08 -17.53 17.27
CA TYR A 168 20.36 -16.26 17.14
C TYR A 168 18.92 -16.32 17.66
N ARG A 169 18.57 -17.45 18.26
CA ARG A 169 17.23 -17.66 18.83
C ARG A 169 17.16 -16.98 20.20
N PRO A 170 16.14 -16.14 20.42
CA PRO A 170 15.96 -15.53 21.76
C PRO A 170 15.55 -16.54 22.85
N LEU B 11 -12.95 -19.37 -24.50
CA LEU B 11 -12.17 -18.76 -23.38
C LEU B 11 -10.79 -19.42 -23.23
N ARG B 12 -9.73 -18.61 -23.37
CA ARG B 12 -8.36 -19.13 -23.47
C ARG B 12 -7.58 -19.20 -22.13
N SER B 13 -6.54 -20.02 -22.10
CA SER B 13 -5.80 -20.31 -20.86
C SER B 13 -4.78 -19.24 -20.44
N ASN B 14 -5.30 -18.16 -19.90
CA ASN B 14 -4.51 -17.08 -19.38
C ASN B 14 -4.27 -17.35 -17.90
N ARG B 15 -3.06 -17.78 -17.56
CA ARG B 15 -2.77 -18.15 -16.16
C ARG B 15 -2.57 -16.95 -15.21
N ARG B 16 -2.26 -15.78 -15.75
CA ARG B 16 -2.15 -14.56 -14.94
C ARG B 16 -3.55 -14.14 -14.47
N ARG B 17 -4.51 -14.18 -15.40
CA ARG B 17 -5.90 -13.86 -15.09
C ARG B 17 -6.43 -14.83 -14.03
N GLU B 18 -6.18 -16.12 -14.23
CA GLU B 18 -6.61 -17.17 -13.28
C GLU B 18 -6.02 -16.91 -11.88
N MET B 19 -4.72 -16.64 -11.81
CA MET B 19 -4.02 -16.37 -10.55
C MET B 19 -4.64 -15.19 -9.79
N ASP B 20 -4.83 -14.08 -10.49
CA ASP B 20 -5.31 -12.84 -9.86
C ASP B 20 -6.77 -12.95 -9.42
N TYR B 21 -7.58 -13.64 -10.21
CA TYR B 21 -8.95 -13.95 -9.81
C TYR B 21 -8.96 -14.77 -8.51
N MET B 22 -8.15 -15.83 -8.46
CA MET B 22 -8.10 -16.72 -7.29
C MET B 22 -7.59 -16.00 -6.06
N ARG B 23 -6.61 -15.11 -6.23
CA ARG B 23 -6.07 -14.33 -5.10
C ARG B 23 -7.11 -13.37 -4.53
N LEU B 24 -7.91 -12.79 -5.42
CA LEU B 24 -9.01 -11.91 -5.03
C LEU B 24 -10.09 -12.66 -4.23
N CYS B 25 -10.40 -13.88 -4.67
CA CYS B 25 -11.40 -14.73 -4.01
C CYS B 25 -10.92 -15.33 -2.70
N ASN B 26 -9.62 -15.61 -2.61
CA ASN B 26 -9.04 -16.26 -1.43
C ASN B 26 -8.65 -15.19 -0.42
N SER B 27 -9.66 -14.47 0.09
CA SER B 27 -9.45 -13.34 0.97
C SER B 27 -10.74 -13.03 1.72
N THR B 28 -10.76 -11.92 2.44
CA THR B 28 -11.97 -11.51 3.17
C THR B 28 -12.87 -10.62 2.33
N ARG B 29 -12.45 -10.35 1.10
CA ARG B 29 -13.27 -9.57 0.17
C ARG B 29 -14.54 -10.34 -0.19
N LYS B 30 -15.62 -9.60 -0.44
CA LYS B 30 -16.88 -10.22 -0.87
C LYS B 30 -16.93 -10.22 -2.39
N VAL B 31 -16.66 -11.40 -2.94
CA VAL B 31 -16.59 -11.60 -4.39
C VAL B 31 -17.62 -12.66 -4.76
N TYR B 32 -18.50 -12.31 -5.71
CA TYR B 32 -19.52 -13.23 -6.19
C TYR B 32 -19.14 -13.67 -7.60
N PRO B 33 -18.86 -14.97 -7.77
CA PRO B 33 -18.42 -15.53 -9.05
C PRO B 33 -19.50 -15.62 -10.14
N SER B 34 -19.07 -15.59 -11.39
CA SER B 34 -19.89 -16.00 -12.51
C SER B 34 -19.55 -17.47 -12.79
N ASP B 35 -19.69 -17.90 -14.05
CA ASP B 35 -19.24 -19.24 -14.44
C ASP B 35 -17.77 -19.28 -14.91
N THR B 36 -17.15 -18.10 -15.03
CA THR B 36 -15.77 -17.98 -15.51
C THR B 36 -14.94 -17.01 -14.66
N VAL B 37 -13.62 -17.18 -14.67
CA VAL B 37 -12.68 -16.26 -14.02
C VAL B 37 -12.63 -14.87 -14.69
N ALA B 38 -13.26 -14.74 -15.86
CA ALA B 38 -13.23 -13.50 -16.65
C ALA B 38 -14.23 -12.45 -16.16
N GLU B 39 -15.20 -12.89 -15.35
CA GLU B 39 -16.29 -12.01 -14.95
C GLU B 39 -16.76 -12.35 -13.53
N PHE B 40 -16.95 -11.31 -12.72
CA PHE B 40 -17.40 -11.48 -11.35
C PHE B 40 -17.85 -10.16 -10.74
N TRP B 41 -18.46 -10.23 -9.57
CA TRP B 41 -18.97 -9.05 -8.89
C TRP B 41 -18.29 -8.89 -7.53
N VAL B 42 -17.91 -7.66 -7.22
CA VAL B 42 -17.16 -7.34 -6.00
C VAL B 42 -17.91 -6.27 -5.22
N GLU B 43 -18.14 -6.51 -3.93
CA GLU B 43 -18.72 -5.50 -3.05
C GLU B 43 -17.70 -4.40 -2.76
N PHE B 44 -18.19 -3.16 -2.79
CA PHE B 44 -17.34 -1.98 -2.64
C PHE B 44 -18.03 -0.98 -1.70
N LYS B 45 -17.27 -0.46 -0.72
CA LYS B 45 -17.79 0.56 0.20
C LYS B 45 -17.19 1.94 -0.13
N GLY B 46 -18.04 2.96 -0.12
CA GLY B 46 -17.58 4.33 -0.38
C GLY B 46 -16.55 4.79 0.64
N PRO B 47 -15.57 5.62 0.22
CA PRO B 47 -14.53 6.08 1.15
C PRO B 47 -15.02 7.02 2.25
N GLU B 48 -14.48 6.83 3.45
CA GLU B 48 -14.80 7.67 4.61
C GLU B 48 -14.35 9.10 4.36
N GLY B 49 -15.16 10.07 4.80
CA GLY B 49 -14.84 11.49 4.61
C GLY B 49 -15.33 12.08 3.29
N THR B 50 -16.16 11.33 2.56
CA THR B 50 -16.76 11.80 1.31
C THR B 50 -18.28 11.67 1.40
N PRO B 51 -19.02 12.33 0.50
CA PRO B 51 -20.48 12.10 0.41
C PRO B 51 -20.87 10.66 0.04
N TYR B 52 -19.88 9.84 -0.35
CA TYR B 52 -20.08 8.44 -0.71
C TYR B 52 -19.93 7.50 0.49
N GLU B 53 -19.53 8.05 1.64
CA GLU B 53 -19.07 7.23 2.76
C GLU B 53 -20.05 6.19 3.32
N ASP B 54 -21.34 6.46 3.23
CA ASP B 54 -22.35 5.51 3.74
C ASP B 54 -22.89 4.57 2.65
N GLY B 55 -22.19 4.51 1.52
CA GLY B 55 -22.67 3.77 0.36
C GLY B 55 -22.04 2.40 0.18
N THR B 56 -22.86 1.47 -0.30
CA THR B 56 -22.39 0.14 -0.71
C THR B 56 -22.78 -0.04 -2.17
N TRP B 57 -21.83 -0.47 -2.98
CA TRP B 57 -22.04 -0.74 -4.41
C TRP B 57 -21.57 -2.14 -4.76
N MET B 58 -22.15 -2.70 -5.82
CA MET B 58 -21.65 -3.94 -6.42
C MET B 58 -20.95 -3.58 -7.71
N LEU B 59 -19.71 -4.05 -7.86
CA LEU B 59 -18.90 -3.77 -9.04
C LEU B 59 -18.88 -4.97 -9.97
N HIS B 60 -19.20 -4.72 -11.24
CA HIS B 60 -19.08 -5.72 -12.29
C HIS B 60 -17.67 -5.61 -12.85
N VAL B 61 -16.85 -6.60 -12.53
CA VAL B 61 -15.45 -6.60 -12.94
C VAL B 61 -15.24 -7.64 -14.03
N GLN B 62 -14.61 -7.23 -15.12
CA GLN B 62 -14.26 -8.17 -16.18
C GLN B 62 -12.76 -8.12 -16.49
N LEU B 63 -12.18 -9.31 -16.66
CA LEU B 63 -10.77 -9.43 -16.94
C LEU B 63 -10.61 -9.98 -18.35
N PRO B 64 -10.00 -9.19 -19.24
CA PRO B 64 -9.89 -9.48 -20.66
C PRO B 64 -8.91 -10.63 -20.93
N SER B 65 -8.99 -11.21 -22.13
CA SER B 65 -8.17 -12.36 -22.48
C SER B 65 -6.68 -12.05 -22.51
N ASP B 66 -6.32 -10.79 -22.79
CA ASP B 66 -4.93 -10.34 -22.73
C ASP B 66 -4.54 -9.61 -21.43
N TYR B 67 -5.33 -9.81 -20.38
CA TYR B 67 -4.95 -9.39 -19.03
C TYR B 67 -3.57 -9.99 -18.66
N PRO B 68 -2.70 -9.22 -17.95
CA PRO B 68 -2.85 -7.86 -17.42
C PRO B 68 -2.31 -6.76 -18.38
N PHE B 69 -2.03 -7.12 -19.62
CA PHE B 69 -1.58 -6.10 -20.58
C PHE B 69 -2.72 -5.14 -20.98
N LYS B 70 -3.94 -5.68 -21.00
CA LYS B 70 -5.15 -4.87 -21.11
C LYS B 70 -5.75 -4.77 -19.71
N SER B 71 -6.21 -3.58 -19.34
CA SER B 71 -6.78 -3.36 -18.02
C SER B 71 -8.13 -4.06 -17.84
N PRO B 72 -8.54 -4.28 -16.58
CA PRO B 72 -9.90 -4.75 -16.33
C PRO B 72 -10.90 -3.67 -16.66
N SER B 73 -12.14 -4.06 -16.94
CA SER B 73 -13.24 -3.08 -16.99
C SER B 73 -13.99 -3.14 -15.67
N ILE B 74 -14.49 -1.99 -15.22
CA ILE B 74 -15.19 -1.86 -13.94
C ILE B 74 -16.51 -1.14 -14.20
N GLY B 75 -17.61 -1.71 -13.71
CA GLY B 75 -18.92 -1.06 -13.79
C GLY B 75 -19.63 -1.07 -12.44
N PHE B 76 -20.23 0.05 -12.08
CA PHE B 76 -21.08 0.14 -10.90
C PHE B 76 -22.46 -0.41 -11.27
N CYS B 77 -22.88 -1.49 -10.61
CA CYS B 77 -24.15 -2.14 -10.94
C CYS B 77 -25.37 -1.36 -10.43
N ASN B 78 -25.36 -0.98 -9.16
CA ASN B 78 -26.38 -0.05 -8.64
C ASN B 78 -25.91 1.37 -8.88
N ARG B 79 -26.84 2.32 -8.91
CA ARG B 79 -26.56 3.66 -9.39
C ARG B 79 -25.53 4.43 -8.55
N ILE B 80 -24.63 5.11 -9.25
CA ILE B 80 -23.75 6.11 -8.64
C ILE B 80 -23.69 7.37 -9.50
N LEU B 81 -23.65 8.52 -8.85
CA LEU B 81 -23.46 9.80 -9.54
C LEU B 81 -22.02 10.23 -9.38
N HIS B 82 -21.28 10.26 -10.49
CA HIS B 82 -19.87 10.64 -10.49
C HIS B 82 -19.47 11.05 -11.91
N PRO B 83 -18.74 12.17 -12.06
CA PRO B 83 -18.31 12.67 -13.36
C PRO B 83 -17.65 11.64 -14.28
N ASN B 84 -16.89 10.70 -13.72
CA ASN B 84 -16.13 9.74 -14.51
C ASN B 84 -16.83 8.38 -14.67
N VAL B 85 -18.12 8.34 -14.30
CA VAL B 85 -18.90 7.11 -14.35
C VAL B 85 -20.19 7.38 -15.12
N ASP B 86 -20.42 6.55 -16.15
CA ASP B 86 -21.63 6.63 -16.92
C ASP B 86 -22.82 6.27 -16.04
N GLU B 87 -23.76 7.22 -15.94
CA GLU B 87 -24.91 7.08 -15.05
C GLU B 87 -25.78 5.87 -15.39
N ARG B 88 -26.18 5.74 -16.66
CA ARG B 88 -27.04 4.63 -17.08
C ARG B 88 -26.39 3.24 -16.90
N SER B 89 -25.16 3.08 -17.39
CA SER B 89 -24.51 1.78 -17.44
C SER B 89 -23.63 1.47 -16.23
N GLY B 90 -23.16 2.52 -15.56
CA GLY B 90 -22.28 2.34 -14.41
C GLY B 90 -20.81 2.15 -14.78
N SER B 91 -20.50 2.16 -16.07
CA SER B 91 -19.14 1.84 -16.48
C SER B 91 -18.19 2.99 -16.11
N VAL B 92 -17.06 2.64 -15.48
CA VAL B 92 -16.03 3.60 -15.12
C VAL B 92 -15.19 3.92 -16.35
N CYS B 93 -14.95 5.22 -16.56
CA CYS B 93 -14.23 5.72 -17.75
C CYS B 93 -12.95 4.93 -18.04
N LEU B 94 -12.84 4.40 -19.26
CA LEU B 94 -11.68 3.59 -19.64
C LEU B 94 -10.37 4.38 -19.61
N ASP B 95 -10.42 5.63 -20.06
CA ASP B 95 -9.27 6.53 -20.04
C ASP B 95 -8.75 6.72 -18.60
N VAL B 96 -9.66 6.88 -17.64
CA VAL B 96 -9.23 7.07 -16.24
C VAL B 96 -8.57 5.80 -15.68
N ILE B 97 -9.14 4.63 -15.98
CA ILE B 97 -8.55 3.36 -15.59
C ILE B 97 -7.16 3.20 -16.21
N ASN B 98 -7.03 3.49 -17.50
CA ASN B 98 -5.75 3.36 -18.19
C ASN B 98 -4.62 4.31 -17.70
N GLN B 99 -4.98 5.43 -17.08
CA GLN B 99 -3.98 6.31 -16.48
C GLN B 99 -3.30 5.66 -15.27
N THR B 100 -4.03 4.76 -14.61
CA THR B 100 -3.50 4.07 -13.44
C THR B 100 -2.95 2.68 -13.80
N TRP B 101 -3.66 1.94 -14.65
CA TRP B 101 -3.30 0.54 -14.92
C TRP B 101 -1.95 0.40 -15.63
N THR B 102 -1.19 -0.61 -15.21
CA THR B 102 0.00 -1.08 -15.95
C THR B 102 -0.01 -2.60 -15.79
N PRO B 103 0.78 -3.34 -16.62
CA PRO B 103 0.86 -4.79 -16.45
C PRO B 103 1.38 -5.24 -15.08
N MET B 104 2.06 -4.35 -14.37
CA MET B 104 2.58 -4.65 -13.03
C MET B 104 1.62 -4.27 -11.89
N TYR B 105 0.50 -3.61 -12.22
CA TYR B 105 -0.44 -3.10 -11.22
C TYR B 105 -1.16 -4.23 -10.49
N GLN B 106 -1.35 -4.06 -9.19
CA GLN B 106 -1.99 -5.10 -8.38
C GLN B 106 -3.50 -4.95 -8.44
N LEU B 107 -4.18 -6.00 -8.88
CA LEU B 107 -5.63 -5.98 -8.99
C LEU B 107 -6.36 -5.50 -7.72
N GLU B 108 -5.89 -5.93 -6.55
CA GLU B 108 -6.43 -5.47 -5.27
C GLU B 108 -6.48 -3.94 -5.12
N ASN B 109 -5.50 -3.25 -5.70
CA ASN B 109 -5.41 -1.79 -5.59
C ASN B 109 -6.49 -1.04 -6.37
N ILE B 110 -7.10 -1.70 -7.34
CA ILE B 110 -8.29 -1.15 -7.99
C ILE B 110 -9.35 -0.82 -6.93
N PHE B 111 -9.54 -1.75 -5.98
CA PHE B 111 -10.58 -1.62 -4.97
C PHE B 111 -10.10 -0.86 -3.74
N ASP B 112 -8.82 -1.00 -3.42
CA ASP B 112 -8.25 -0.41 -2.22
C ASP B 112 -7.74 1.02 -2.42
N VAL B 113 -7.34 1.36 -3.65
CA VAL B 113 -6.68 2.64 -3.89
C VAL B 113 -7.37 3.42 -5.00
N PHE B 114 -7.42 2.84 -6.20
CA PHE B 114 -7.92 3.55 -7.37
C PHE B 114 -9.36 4.08 -7.21
N LEU B 115 -10.29 3.20 -6.86
CA LEU B 115 -11.69 3.60 -6.76
C LEU B 115 -11.98 4.54 -5.58
N PRO B 116 -11.47 4.23 -4.37
CA PRO B 116 -11.64 5.20 -3.28
C PRO B 116 -11.11 6.59 -3.62
N GLN B 117 -9.93 6.67 -4.24
CA GLN B 117 -9.32 7.95 -4.61
C GLN B 117 -10.17 8.67 -5.65
N LEU B 118 -10.65 7.93 -6.63
CA LEU B 118 -11.51 8.48 -7.66
C LEU B 118 -12.78 9.13 -7.07
N LEU B 119 -13.35 8.47 -6.07
CA LEU B 119 -14.55 8.97 -5.39
C LEU B 119 -14.27 10.18 -4.49
N ARG B 120 -13.01 10.35 -4.09
CA ARG B 120 -12.62 11.51 -3.28
C ARG B 120 -12.65 12.81 -4.07
N TYR B 121 -12.24 12.73 -5.32
CA TYR B 121 -12.34 13.84 -6.29
C TYR B 121 -12.13 13.28 -7.68
N PRO B 122 -13.00 13.65 -8.63
CA PRO B 122 -12.90 13.13 -9.99
C PRO B 122 -11.58 13.42 -10.72
N ASN B 123 -11.30 12.58 -11.70
CA ASN B 123 -10.19 12.75 -12.62
C ASN B 123 -10.61 13.78 -13.67
N PRO B 124 -9.69 14.67 -14.10
CA PRO B 124 -10.08 15.74 -15.04
C PRO B 124 -10.40 15.28 -16.47
N SER B 125 -10.39 13.98 -16.72
CA SER B 125 -10.76 13.42 -18.01
C SER B 125 -12.19 13.83 -18.41
N ASP B 126 -12.42 14.00 -19.71
CA ASP B 126 -13.74 14.36 -20.23
C ASP B 126 -14.83 13.52 -19.55
N PRO B 127 -15.76 14.20 -18.86
CA PRO B 127 -16.72 13.47 -18.02
C PRO B 127 -17.70 12.58 -18.78
N LEU B 128 -17.96 11.39 -18.24
CA LEU B 128 -19.02 10.51 -18.72
C LEU B 128 -20.39 10.97 -18.20
N ASN B 129 -20.39 11.59 -17.03
CA ASN B 129 -21.58 12.25 -16.49
C ASN B 129 -21.34 13.76 -16.45
N VAL B 130 -21.75 14.42 -17.53
CA VAL B 130 -21.56 15.85 -17.76
C VAL B 130 -22.30 16.68 -16.71
N GLN B 131 -23.48 16.22 -16.31
CA GLN B 131 -24.31 16.94 -15.35
C GLN B 131 -23.65 16.98 -13.98
N ALA B 132 -23.06 15.86 -13.57
CA ALA B 132 -22.34 15.79 -12.30
C ALA B 132 -21.13 16.72 -12.32
N ALA B 133 -20.41 16.75 -13.44
CA ALA B 133 -19.26 17.65 -13.59
C ALA B 133 -19.67 19.12 -13.45
N HIS B 134 -20.79 19.46 -14.08
CA HIS B 134 -21.31 20.82 -14.04
C HIS B 134 -21.72 21.26 -12.64
N LEU B 135 -22.42 20.39 -11.92
CA LEU B 135 -22.86 20.68 -10.56
C LEU B 135 -21.69 20.81 -9.59
N LEU B 136 -20.69 19.95 -9.75
CA LEU B 136 -19.51 19.98 -8.89
C LEU B 136 -18.79 21.32 -9.01
N HIS B 137 -18.65 21.82 -10.24
CA HIS B 137 -17.89 23.05 -10.49
C HIS B 137 -18.68 24.31 -10.16
N ALA B 138 -20.00 24.24 -10.28
CA ALA B 138 -20.86 25.39 -9.98
C ALA B 138 -21.12 25.59 -8.48
N ASP B 139 -21.33 24.49 -7.76
CA ASP B 139 -21.69 24.54 -6.34
C ASP B 139 -21.37 23.21 -5.68
N ARG B 140 -20.16 23.08 -5.17
CA ARG B 140 -19.70 21.81 -4.62
C ARG B 140 -20.48 21.38 -3.38
N VAL B 141 -20.83 22.34 -2.53
CA VAL B 141 -21.56 22.09 -1.30
C VAL B 141 -22.95 21.50 -1.58
N GLY B 142 -23.68 22.13 -2.51
CA GLY B 142 -24.97 21.62 -2.97
C GLY B 142 -24.89 20.28 -3.67
N PHE B 143 -23.80 20.07 -4.43
CA PHE B 143 -23.56 18.80 -5.11
C PHE B 143 -23.34 17.68 -4.10
N ASP B 144 -22.55 17.96 -3.08
CA ASP B 144 -22.27 16.99 -2.01
C ASP B 144 -23.53 16.57 -1.25
N ALA B 145 -24.43 17.52 -1.02
CA ALA B 145 -25.72 17.22 -0.39
C ALA B 145 -26.60 16.37 -1.30
N LEU B 146 -26.56 16.67 -2.61
CA LEU B 146 -27.27 15.90 -3.61
C LEU B 146 -26.75 14.45 -3.64
N LEU B 147 -25.43 14.33 -3.57
CA LEU B 147 -24.76 13.02 -3.52
C LEU B 147 -25.19 12.17 -2.33
N ARG B 148 -25.16 12.76 -1.14
CA ARG B 148 -25.48 12.07 0.11
C ARG B 148 -26.89 11.47 0.08
N GLU B 149 -27.83 12.25 -0.44
CA GLU B 149 -29.22 11.82 -0.56
C GLU B 149 -29.36 10.68 -1.56
N HIS B 150 -28.73 10.83 -2.73
CA HIS B 150 -28.72 9.80 -3.76
C HIS B 150 -28.12 8.50 -3.23
N VAL B 151 -27.02 8.62 -2.49
CA VAL B 151 -26.35 7.47 -1.90
C VAL B 151 -27.23 6.75 -0.87
N SER B 152 -27.94 7.52 -0.05
CA SER B 152 -28.76 6.93 1.01
C SER B 152 -29.91 6.10 0.43
N THR B 153 -30.34 6.45 -0.78
CA THR B 153 -31.44 5.73 -1.44
C THR B 153 -30.99 4.61 -2.39
N HIS B 154 -29.93 4.85 -3.15
CA HIS B 154 -29.48 3.91 -4.20
C HIS B 154 -28.35 2.97 -3.77
N ALA B 155 -27.60 3.34 -2.75
CA ALA B 155 -26.39 2.61 -2.37
C ALA B 155 -26.50 1.93 -1.00
N THR B 156 -27.62 1.27 -0.79
CA THR B 156 -27.80 0.45 0.41
C THR B 156 -27.15 -0.91 0.14
N PRO B 157 -26.74 -1.63 1.20
CA PRO B 157 -26.28 -3.01 1.02
C PRO B 157 -27.30 -3.88 0.27
N GLN B 158 -28.58 -3.63 0.49
CA GLN B 158 -29.65 -4.37 -0.16
C GLN B 158 -29.71 -4.10 -1.67
N LYS B 159 -29.68 -2.84 -2.06
CA LYS B 159 -29.69 -2.47 -3.48
C LYS B 159 -28.45 -2.97 -4.21
N ALA B 160 -27.32 -3.03 -3.51
CA ALA B 160 -26.07 -3.55 -4.10
C ALA B 160 -26.21 -5.05 -4.38
N LEU B 161 -26.73 -5.79 -3.41
CA LEU B 161 -26.95 -7.22 -3.54
C LEU B 161 -27.90 -7.58 -4.68
N GLU B 162 -29.03 -6.88 -4.78
CA GLU B 162 -30.00 -7.17 -5.84
C GLU B 162 -29.59 -6.72 -7.25
N SER B 163 -28.50 -5.96 -7.36
CA SER B 163 -27.99 -5.50 -8.65
C SER B 163 -27.11 -6.56 -9.34
N ILE B 164 -26.82 -7.65 -8.64
CA ILE B 164 -26.16 -8.82 -9.23
C ILE B 164 -27.19 -9.53 -10.11
N PRO B 165 -26.83 -9.84 -11.37
CA PRO B 165 -27.73 -10.63 -12.21
C PRO B 165 -28.23 -11.89 -11.50
N GLU B 166 -29.52 -12.15 -11.67
CA GLU B 166 -30.23 -13.19 -10.93
C GLU B 166 -29.53 -14.55 -10.90
N ALA B 167 -28.89 -14.92 -12.01
CA ALA B 167 -28.26 -16.24 -12.13
C ALA B 167 -27.08 -16.42 -11.16
N TYR B 168 -26.50 -15.31 -10.70
CA TYR B 168 -25.32 -15.35 -9.85
C TYR B 168 -25.53 -14.65 -8.48
N ARG B 169 -26.77 -14.24 -8.23
CA ARG B 169 -27.13 -13.60 -6.97
C ARG B 169 -27.38 -14.66 -5.90
N PRO B 170 -26.73 -14.52 -4.73
CA PRO B 170 -26.99 -15.43 -3.60
C PRO B 170 -28.42 -15.31 -3.05
N SER C 13 -4.39 26.37 -15.98
CA SER C 13 -4.45 25.84 -14.59
C SER C 13 -3.93 24.40 -14.56
N ASN C 14 -3.39 24.01 -13.41
CA ASN C 14 -2.87 22.67 -13.25
C ASN C 14 -3.96 21.78 -12.63
N ARG C 15 -4.64 21.02 -13.49
CA ARG C 15 -5.75 20.16 -13.06
C ARG C 15 -5.30 18.96 -12.21
N ARG C 16 -4.08 18.50 -12.42
CA ARG C 16 -3.58 17.38 -11.62
C ARG C 16 -3.26 17.81 -10.19
N ARG C 17 -2.65 18.98 -10.07
CA ARG C 17 -2.38 19.58 -8.77
C ARG C 17 -3.69 19.78 -8.01
N GLU C 18 -4.68 20.33 -8.69
CA GLU C 18 -6.00 20.57 -8.10
C GLU C 18 -6.60 19.25 -7.59
N MET C 19 -6.61 18.24 -8.47
CA MET C 19 -7.15 16.91 -8.18
C MET C 19 -6.52 16.31 -6.92
N ASP C 20 -5.19 16.28 -6.88
CA ASP C 20 -4.46 15.64 -5.77
C ASP C 20 -4.62 16.41 -4.46
N TYR C 21 -4.64 17.73 -4.54
CA TYR C 21 -4.95 18.55 -3.37
C TYR C 21 -6.32 18.19 -2.79
N MET C 22 -7.32 18.18 -3.65
CA MET C 22 -8.71 17.93 -3.23
C MET C 22 -8.86 16.55 -2.63
N ARG C 23 -8.17 15.56 -3.20
CA ARG C 23 -8.24 14.18 -2.68
C ARG C 23 -7.62 14.08 -1.29
N LEU C 24 -6.52 14.81 -1.08
CA LEU C 24 -5.87 14.88 0.22
C LEU C 24 -6.78 15.51 1.28
N CYS C 25 -7.50 16.56 0.88
CA CYS C 25 -8.39 17.30 1.79
C CYS C 25 -9.67 16.53 2.11
N ASN C 26 -10.17 15.79 1.12
CA ASN C 26 -11.40 15.03 1.24
C ASN C 26 -11.12 13.65 1.85
N SER C 27 -10.61 13.66 3.07
CA SER C 27 -10.17 12.44 3.76
C SER C 27 -10.14 12.70 5.27
N THR C 28 -9.62 11.74 6.02
CA THR C 28 -9.54 11.87 7.49
C THR C 28 -8.22 12.52 7.91
N ARG C 29 -7.36 12.80 6.93
CA ARG C 29 -6.10 13.50 7.19
C ARG C 29 -6.34 14.90 7.71
N LYS C 30 -5.44 15.37 8.56
CA LYS C 30 -5.51 16.73 9.08
C LYS C 30 -4.68 17.64 8.17
N VAL C 31 -5.38 18.36 7.30
CA VAL C 31 -4.78 19.24 6.30
C VAL C 31 -5.28 20.66 6.59
N TYR C 32 -4.36 21.62 6.71
CA TYR C 32 -4.69 23.01 6.97
C TYR C 32 -4.35 23.82 5.73
N PRO C 33 -5.39 24.37 5.08
CA PRO C 33 -5.21 25.09 3.80
C PRO C 33 -4.55 26.46 3.92
N SER C 34 -3.90 26.88 2.84
CA SER C 34 -3.50 28.29 2.67
C SER C 34 -4.60 28.94 1.84
N ASP C 35 -4.27 30.00 1.11
CA ASP C 35 -5.20 30.58 0.15
C ASP C 35 -5.20 29.89 -1.22
N THR C 36 -4.24 28.99 -1.46
CA THR C 36 -4.16 28.29 -2.76
C THR C 36 -3.91 26.79 -2.62
N VAL C 37 -4.20 26.02 -3.67
CA VAL C 37 -3.93 24.58 -3.73
C VAL C 37 -2.43 24.27 -3.77
N ALA C 38 -1.60 25.29 -3.99
CA ALA C 38 -0.16 25.10 -4.16
C ALA C 38 0.59 24.96 -2.83
N GLU C 39 -0.08 25.28 -1.73
CA GLU C 39 0.57 25.36 -0.43
C GLU C 39 -0.40 25.02 0.70
N PHE C 40 0.03 24.16 1.62
CA PHE C 40 -0.82 23.74 2.72
C PHE C 40 0.03 23.01 3.77
N TRP C 41 -0.57 22.76 4.93
CA TRP C 41 0.12 22.11 6.05
C TRP C 41 -0.59 20.81 6.41
N VAL C 42 0.20 19.79 6.68
CA VAL C 42 -0.34 18.46 6.96
C VAL C 42 0.23 17.97 8.28
N GLU C 43 -0.63 17.49 9.16
CA GLU C 43 -0.20 16.88 10.40
C GLU C 43 0.43 15.51 10.11
N PHE C 44 1.53 15.22 10.81
CA PHE C 44 2.29 14.01 10.60
C PHE C 44 2.71 13.41 11.96
N LYS C 45 2.46 12.12 12.15
CA LYS C 45 2.91 11.40 13.34
C LYS C 45 4.14 10.54 13.05
N GLY C 46 5.12 10.57 13.97
CA GLY C 46 6.33 9.74 13.83
C GLY C 46 6.02 8.25 13.82
N PRO C 47 6.80 7.45 13.08
CA PRO C 47 6.50 6.01 12.98
C PRO C 47 6.77 5.23 14.27
N GLU C 48 5.86 4.31 14.58
CA GLU C 48 6.01 3.45 15.74
C GLU C 48 7.26 2.57 15.62
N GLY C 49 7.93 2.34 16.74
CA GLY C 49 9.16 1.55 16.76
C GLY C 49 10.43 2.33 16.43
N THR C 50 10.33 3.66 16.41
CA THR C 50 11.48 4.54 16.23
C THR C 50 11.55 5.57 17.38
N PRO C 51 12.69 6.25 17.55
CA PRO C 51 12.78 7.36 18.52
C PRO C 51 11.84 8.53 18.21
N TYR C 52 11.25 8.52 17.03
CA TYR C 52 10.28 9.54 16.61
C TYR C 52 8.84 9.20 16.99
N GLU C 53 8.61 8.02 17.53
CA GLU C 53 7.24 7.46 17.65
C GLU C 53 6.23 8.32 18.42
N ASP C 54 6.70 9.05 19.43
CA ASP C 54 5.80 9.89 20.22
C ASP C 54 5.69 11.33 19.71
N GLY C 55 6.19 11.59 18.51
CA GLY C 55 6.22 12.94 17.98
C GLY C 55 5.10 13.27 17.02
N THR C 56 4.69 14.54 17.06
CA THR C 56 3.78 15.11 16.07
C THR C 56 4.49 16.28 15.43
N TRP C 57 4.44 16.35 14.09
CA TRP C 57 5.01 17.48 13.33
C TRP C 57 3.97 18.07 12.41
N MET C 58 4.18 19.32 12.02
CA MET C 58 3.41 19.95 10.94
C MET C 58 4.31 20.02 9.72
N LEU C 59 3.82 19.53 8.58
CA LEU C 59 4.57 19.55 7.33
C LEU C 59 4.10 20.68 6.44
N HIS C 60 5.06 21.46 5.95
CA HIS C 60 4.77 22.50 4.98
C HIS C 60 4.93 21.85 3.60
N VAL C 61 3.81 21.67 2.91
CA VAL C 61 3.81 20.99 1.63
C VAL C 61 3.54 22.01 0.53
N GLN C 62 4.37 21.99 -0.52
CA GLN C 62 4.15 22.85 -1.67
C GLN C 62 4.14 22.04 -2.96
N LEU C 63 3.14 22.32 -3.78
CA LEU C 63 2.94 21.66 -5.06
C LEU C 63 3.25 22.64 -6.19
N PRO C 64 4.36 22.41 -6.93
CA PRO C 64 4.80 23.35 -7.97
C PRO C 64 3.87 23.41 -9.18
N SER C 65 4.06 24.42 -10.02
CA SER C 65 3.20 24.65 -11.17
C SER C 65 3.28 23.52 -12.21
N ASP C 66 4.43 22.86 -12.27
CA ASP C 66 4.62 21.70 -13.15
C ASP C 66 4.47 20.33 -12.45
N TYR C 67 3.82 20.32 -11.30
CA TYR C 67 3.40 19.07 -10.66
C TYR C 67 2.50 18.28 -11.63
N PRO C 68 2.64 16.94 -11.68
CA PRO C 68 3.52 16.07 -10.86
C PRO C 68 4.85 15.71 -11.54
N PHE C 69 5.20 16.40 -12.63
CA PHE C 69 6.50 16.17 -13.27
C PHE C 69 7.64 16.69 -12.39
N LYS C 70 7.37 17.76 -11.67
CA LYS C 70 8.26 18.20 -10.59
C LYS C 70 7.64 17.78 -9.28
N SER C 71 8.48 17.30 -8.37
CA SER C 71 8.03 16.76 -7.10
C SER C 71 7.56 17.87 -6.17
N PRO C 72 6.73 17.52 -5.18
CA PRO C 72 6.40 18.49 -4.15
C PRO C 72 7.60 18.76 -3.27
N SER C 73 7.59 19.90 -2.59
CA SER C 73 8.61 20.17 -1.60
C SER C 73 7.98 19.97 -0.24
N ILE C 74 8.77 19.47 0.71
CA ILE C 74 8.28 19.11 2.03
C ILE C 74 9.21 19.69 3.08
N GLY C 75 8.62 20.36 4.07
CA GLY C 75 9.37 20.94 5.16
C GLY C 75 8.73 20.64 6.51
N PHE C 76 9.55 20.23 7.48
CA PHE C 76 9.09 20.11 8.85
C PHE C 76 9.06 21.51 9.46
N CYS C 77 7.90 21.93 9.95
CA CYS C 77 7.74 23.27 10.53
C CYS C 77 8.29 23.36 11.94
N ASN C 78 7.94 22.40 12.81
CA ASN C 78 8.55 22.36 14.13
C ASN C 78 9.81 21.51 14.06
N ARG C 79 10.71 21.72 15.03
CA ARG C 79 12.04 21.12 15.00
C ARG C 79 12.06 19.61 14.87
N ILE C 80 12.95 19.10 14.01
CA ILE C 80 13.26 17.69 13.95
C ILE C 80 14.77 17.56 13.70
N LEU C 81 15.37 16.54 14.31
CA LEU C 81 16.74 16.18 14.04
C LEU C 81 16.78 14.90 13.20
N HIS C 82 17.32 15.02 11.99
CA HIS C 82 17.39 13.91 11.03
C HIS C 82 18.43 14.28 9.99
N PRO C 83 19.30 13.32 9.59
CA PRO C 83 20.37 13.55 8.62
C PRO C 83 19.91 14.12 7.28
N ASN C 84 18.70 13.79 6.84
CA ASN C 84 18.22 14.27 5.53
C ASN C 84 17.31 15.48 5.63
N VAL C 85 17.28 16.12 6.80
CA VAL C 85 16.41 17.27 7.03
C VAL C 85 17.24 18.43 7.56
N ASP C 86 17.12 19.58 6.90
CA ASP C 86 17.82 20.76 7.36
C ASP C 86 17.27 21.22 8.70
N GLU C 87 18.16 21.25 9.69
CA GLU C 87 17.75 21.54 11.07
C GLU C 87 17.10 22.92 11.20
N ARG C 88 17.71 23.93 10.59
CA ARG C 88 17.16 25.28 10.67
C ARG C 88 15.83 25.45 9.93
N SER C 89 15.76 25.01 8.67
CA SER C 89 14.62 25.31 7.81
C SER C 89 13.54 24.22 7.85
N GLY C 90 13.93 23.01 8.22
CA GLY C 90 13.00 21.88 8.20
C GLY C 90 12.83 21.23 6.83
N SER C 91 13.51 21.74 5.81
CA SER C 91 13.31 21.19 4.46
C SER C 91 13.90 19.78 4.30
N VAL C 92 13.12 18.90 3.71
CA VAL C 92 13.54 17.53 3.43
C VAL C 92 14.35 17.57 2.14
N CYS C 93 15.49 16.89 2.19
CA CYS C 93 16.42 16.87 1.08
C CYS C 93 15.72 16.60 -0.25
N LEU C 94 15.93 17.50 -1.21
CA LEU C 94 15.32 17.38 -2.55
C LEU C 94 15.79 16.13 -3.32
N ASP C 95 17.06 15.78 -3.20
CA ASP C 95 17.61 14.59 -3.84
C ASP C 95 16.92 13.32 -3.31
N VAL C 96 16.62 13.29 -2.01
CA VAL C 96 15.99 12.12 -1.38
C VAL C 96 14.55 11.98 -1.88
N ILE C 97 13.82 13.09 -1.93
CA ILE C 97 12.47 13.09 -2.48
C ILE C 97 12.47 12.63 -3.94
N ASN C 98 13.42 13.14 -4.72
CA ASN C 98 13.50 12.75 -6.13
C ASN C 98 13.85 11.30 -6.41
N GLN C 99 14.46 10.61 -5.44
CA GLN C 99 14.70 9.18 -5.63
C GLN C 99 13.39 8.40 -5.60
N THR C 100 12.40 8.92 -4.90
CA THR C 100 11.10 8.26 -4.76
C THR C 100 10.07 8.79 -5.76
N TRP C 101 10.05 10.10 -5.95
CA TRP C 101 9.01 10.73 -6.76
C TRP C 101 9.11 10.37 -8.23
N THR C 102 7.94 10.08 -8.82
CA THR C 102 7.77 9.98 -10.28
C THR C 102 6.42 10.66 -10.59
N PRO C 103 6.16 11.02 -11.87
CA PRO C 103 4.84 11.54 -12.25
C PRO C 103 3.66 10.62 -11.90
N MET C 104 3.92 9.33 -11.72
CA MET C 104 2.88 8.36 -11.37
C MET C 104 2.70 8.13 -9.87
N TYR C 105 3.58 8.72 -9.06
CA TYR C 105 3.58 8.51 -7.61
C TYR C 105 2.32 9.08 -6.98
N GLN C 106 1.78 8.39 -5.97
CA GLN C 106 0.59 8.88 -5.29
C GLN C 106 0.96 9.80 -4.12
N LEU C 107 0.41 11.01 -4.14
CA LEU C 107 0.74 12.01 -3.13
C LEU C 107 0.55 11.52 -1.68
N GLU C 108 -0.49 10.71 -1.44
CA GLU C 108 -0.76 10.17 -0.10
C GLU C 108 0.43 9.35 0.43
N ASN C 109 1.14 8.68 -0.46
CA ASN C 109 2.29 7.88 -0.09
C ASN C 109 3.51 8.65 0.45
N ILE C 110 3.53 9.94 0.19
CA ILE C 110 4.55 10.80 0.80
C ILE C 110 4.38 10.71 2.31
N PHE C 111 3.13 10.77 2.78
CA PHE C 111 2.83 10.77 4.20
C PHE C 111 2.73 9.36 4.76
N ASP C 112 2.25 8.42 3.95
CA ASP C 112 1.99 7.07 4.42
C ASP C 112 3.21 6.15 4.34
N VAL C 113 4.11 6.44 3.40
CA VAL C 113 5.23 5.52 3.12
C VAL C 113 6.57 6.25 3.16
N PHE C 114 6.76 7.25 2.29
CA PHE C 114 8.05 7.87 2.12
C PHE C 114 8.61 8.47 3.43
N LEU C 115 7.84 9.35 4.07
CA LEU C 115 8.30 9.98 5.32
C LEU C 115 8.49 9.02 6.51
N PRO C 116 7.50 8.14 6.80
CA PRO C 116 7.73 7.15 7.85
C PRO C 116 8.99 6.31 7.64
N GLN C 117 9.20 5.83 6.42
CA GLN C 117 10.38 5.03 6.07
C GLN C 117 11.66 5.82 6.27
N LEU C 118 11.64 7.08 5.84
CA LEU C 118 12.79 7.98 5.97
C LEU C 118 13.23 8.14 7.43
N LEU C 119 12.23 8.28 8.31
CA LEU C 119 12.48 8.40 9.75
C LEU C 119 12.91 7.11 10.42
N ARG C 120 12.60 5.96 9.82
CA ARG C 120 13.07 4.67 10.33
C ARG C 120 14.58 4.54 10.22
N TYR C 121 15.12 5.03 9.10
CA TYR C 121 16.56 5.13 8.89
C TYR C 121 16.81 6.06 7.72
N PRO C 122 17.81 6.94 7.86
CA PRO C 122 18.10 7.90 6.78
C PRO C 122 18.53 7.27 5.45
N ASN C 123 18.32 8.04 4.41
CA ASN C 123 18.81 7.75 3.07
C ASN C 123 20.30 8.16 3.04
N PRO C 124 21.15 7.37 2.38
CA PRO C 124 22.60 7.67 2.39
C PRO C 124 23.04 8.91 1.60
N SER C 125 22.09 9.67 1.07
CA SER C 125 22.37 10.95 0.41
C SER C 125 23.18 11.90 1.31
N ASP C 126 24.02 12.75 0.71
CA ASP C 126 24.81 13.73 1.48
C ASP C 126 23.93 14.43 2.51
N PRO C 127 24.27 14.32 3.80
CA PRO C 127 23.30 14.80 4.78
C PRO C 127 23.13 16.31 4.81
N LEU C 128 21.90 16.74 5.07
CA LEU C 128 21.63 18.16 5.35
C LEU C 128 21.95 18.50 6.82
N ASN C 129 21.81 17.51 7.69
CA ASN C 129 22.23 17.65 9.09
C ASN C 129 23.42 16.72 9.31
N VAL C 130 24.61 17.24 9.12
CA VAL C 130 25.84 16.44 9.20
C VAL C 130 26.12 15.95 10.63
N GLN C 131 25.69 16.72 11.64
CA GLN C 131 25.86 16.29 13.03
C GLN C 131 25.07 15.04 13.29
N ALA C 132 23.82 15.01 12.84
CA ALA C 132 22.95 13.87 13.06
C ALA C 132 23.53 12.63 12.37
N ALA C 133 24.09 12.83 11.18
CA ALA C 133 24.70 11.72 10.46
C ALA C 133 25.92 11.16 11.19
N HIS C 134 26.73 12.03 11.78
CA HIS C 134 27.90 11.56 12.49
C HIS C 134 27.54 10.86 13.81
N LEU C 135 26.54 11.38 14.52
CA LEU C 135 26.12 10.77 15.79
C LEU C 135 25.53 9.39 15.55
N LEU C 136 24.76 9.28 14.47
CA LEU C 136 24.12 8.05 14.09
C LEU C 136 25.16 6.94 13.81
N HIS C 137 26.24 7.28 13.11
CA HIS C 137 27.27 6.28 12.82
C HIS C 137 28.28 6.05 13.95
N ALA C 138 28.48 7.01 14.83
CA ALA C 138 29.41 6.82 15.93
C ALA C 138 28.80 6.03 17.09
N ASP C 139 27.55 6.34 17.43
CA ASP C 139 26.89 5.79 18.62
C ASP C 139 25.37 5.83 18.43
N ARG C 140 24.83 4.79 17.81
CA ARG C 140 23.42 4.72 17.45
C ARG C 140 22.49 4.82 18.68
N VAL C 141 22.86 4.09 19.72
CA VAL C 141 22.11 4.01 20.98
C VAL C 141 22.01 5.36 21.70
N GLY C 142 23.13 6.06 21.80
CA GLY C 142 23.16 7.40 22.37
C GLY C 142 22.42 8.41 21.52
N PHE C 143 22.51 8.25 20.21
CA PHE C 143 21.79 9.16 19.30
C PHE C 143 20.28 8.99 19.44
N ASP C 144 19.82 7.73 19.51
CA ASP C 144 18.40 7.43 19.69
C ASP C 144 17.85 8.05 20.98
N ALA C 145 18.62 8.00 22.07
CA ALA C 145 18.22 8.65 23.32
C ALA C 145 18.15 10.17 23.16
N LEU C 146 19.14 10.73 22.46
CA LEU C 146 19.16 12.16 22.19
C LEU C 146 17.91 12.56 21.40
N LEU C 147 17.55 11.75 20.40
CA LEU C 147 16.35 11.99 19.60
C LEU C 147 15.06 11.96 20.40
N ARG C 148 14.89 10.96 21.26
CA ARG C 148 13.66 10.79 22.05
C ARG C 148 13.41 12.01 22.92
N GLU C 149 14.49 12.51 23.52
CA GLU C 149 14.43 13.69 24.37
C GLU C 149 14.02 14.93 23.55
N HIS C 150 14.68 15.12 22.41
CA HIS C 150 14.39 16.23 21.53
C HIS C 150 12.94 16.17 21.03
N VAL C 151 12.47 14.97 20.69
CA VAL C 151 11.10 14.75 20.25
C VAL C 151 10.07 15.09 21.35
N SER C 152 10.37 14.69 22.58
CA SER C 152 9.44 14.91 23.67
C SER C 152 9.26 16.40 24.00
N THR C 153 10.27 17.21 23.70
CA THR C 153 10.15 18.65 23.91
C THR C 153 9.67 19.44 22.69
N HIS C 154 10.14 19.09 21.50
CA HIS C 154 9.81 19.90 20.31
C HIS C 154 8.68 19.36 19.43
N ALA C 155 8.27 18.12 19.63
CA ALA C 155 7.31 17.49 18.72
C ALA C 155 6.05 17.08 19.47
N THR C 156 5.54 18.01 20.27
CA THR C 156 4.23 17.84 20.91
C THR C 156 3.16 18.26 19.91
N PRO C 157 1.92 17.77 20.09
CA PRO C 157 0.84 18.22 19.21
C PRO C 157 0.66 19.75 19.26
N GLN C 158 0.97 20.35 20.41
CA GLN C 158 0.87 21.79 20.61
C GLN C 158 1.92 22.56 19.83
N LYS C 159 3.18 22.11 19.90
CA LYS C 159 4.25 22.72 19.11
C LYS C 159 4.04 22.57 17.61
N ALA C 160 3.44 21.46 17.18
CA ALA C 160 3.14 21.26 15.76
C ALA C 160 2.07 22.27 15.28
N LEU C 161 0.99 22.42 16.04
CA LEU C 161 -0.07 23.33 15.67
C LEU C 161 0.42 24.80 15.62
N GLU C 162 1.23 25.19 16.60
CA GLU C 162 1.75 26.56 16.68
C GLU C 162 2.74 26.93 15.58
N SER C 163 3.29 25.92 14.91
CA SER C 163 4.29 26.14 13.88
C SER C 163 3.64 26.49 12.51
N ILE C 164 2.31 26.45 12.45
CA ILE C 164 1.58 26.89 11.26
C ILE C 164 1.61 28.42 11.30
N PRO C 165 1.96 29.08 10.16
CA PRO C 165 1.93 30.53 10.12
C PRO C 165 0.59 31.08 10.61
N GLU C 166 0.65 32.15 11.40
CA GLU C 166 -0.50 32.68 12.10
C GLU C 166 -1.73 32.88 11.22
N ALA C 167 -1.52 33.27 9.96
CA ALA C 167 -2.63 33.59 9.05
C ALA C 167 -3.51 32.38 8.77
N TYR C 168 -2.93 31.19 8.87
CA TYR C 168 -3.62 29.93 8.54
C TYR C 168 -3.76 28.96 9.71
N ARG C 169 -3.35 29.40 10.89
CA ARG C 169 -3.44 28.58 12.10
C ARG C 169 -4.87 28.66 12.67
N PRO C 170 -5.49 27.50 12.93
CA PRO C 170 -6.80 27.45 13.62
C PRO C 170 -6.77 28.16 14.97
N HIS C 171 -7.75 29.05 15.19
CA HIS C 171 -7.76 29.93 16.35
C HIS C 171 -8.67 29.39 17.45
CL CL D . 14.48 7.27 1.13
CL CL E . 23.50 -6.67 12.78
CL CL F . 3.58 -14.08 -7.51
CL CL G . -14.88 -20.04 -11.59
CL CL H . -7.77 8.95 -11.18
CL CL I . -7.95 26.56 -1.94
#